data_2R5G
#
_entry.id   2R5G
#
_cell.length_a   35.973
_cell.length_b   66.940
_cell.length_c   44.071
_cell.angle_alpha   90.00
_cell.angle_beta   99.86
_cell.angle_gamma   90.00
#
_symmetry.space_group_name_H-M   'P 1 21 1'
#
loop_
_entity.id
_entity.type
_entity.pdbx_description
1 polymer 'Chloride intracellular channel protein 2'
2 water water
#
_entity_poly.entity_id   1
_entity_poly.type   'polypeptide(L)'
_entity_poly.pdbx_seq_one_letter_code
;MSGLRPGTQVDPEIELFVKAGSDGESIGNCPFCQRLFMILWLKGVKFNVTTVDMTRKPEELKDLAPGTNPPFLVYNKELK
TDFIKIEEFLEQTLAPPRYPHLSPKYKESFDVGCNLFAKFSAYIKNTQKEANKNFEKSLLKEFKRLDDYLNTPLLDEIDP
DSAEEPPVSRRLFLDGDQLTLADCSLLPKLNIIKVAAKKYRDFDIPAEFSGVWRYLHNAYAREEFTHTCPEDKEIENTYA
NVAKQKS
;
_entity_poly.pdbx_strand_id   A
#
# COMPACT_ATOMS: atom_id res chain seq x y z
N ASP A 11 4.22 14.30 22.39
CA ASP A 11 4.41 14.00 20.94
C ASP A 11 4.84 15.23 20.17
N PRO A 12 5.47 15.03 18.99
CA PRO A 12 5.69 16.13 18.06
C PRO A 12 4.39 16.59 17.39
N GLU A 13 4.44 17.75 16.75
CA GLU A 13 3.33 18.25 15.93
C GLU A 13 3.47 17.66 14.54
N ILE A 14 2.54 16.78 14.15
CA ILE A 14 2.59 16.18 12.82
C ILE A 14 1.32 16.44 12.03
N GLU A 15 1.49 16.98 10.82
CA GLU A 15 0.39 17.05 9.87
C GLU A 15 0.82 16.42 8.55
N LEU A 16 0.07 15.41 8.15
CA LEU A 16 0.26 14.73 6.88
C LEU A 16 -0.68 15.33 5.84
N PHE A 17 -0.12 15.78 4.72
CA PHE A 17 -0.91 16.29 3.60
C PHE A 17 -1.01 15.21 2.52
N VAL A 18 -2.23 14.73 2.28
CA VAL A 18 -2.47 13.66 1.32
C VAL A 18 -3.32 14.18 0.15
N LYS A 19 -3.39 13.40 -0.92
CA LYS A 19 -4.21 13.75 -2.08
C LYS A 19 -5.70 13.66 -1.75
N ALA A 20 -6.45 14.69 -2.12
CA ALA A 20 -7.91 14.66 -1.99
C ALA A 20 -8.51 13.88 -3.14
N GLY A 21 -9.67 13.29 -2.88
CA GLY A 21 -10.44 12.60 -3.89
C GLY A 21 -11.21 13.55 -4.80
N SER A 22 -12.22 13.02 -5.48
CA SER A 22 -12.94 13.75 -6.52
C SER A 22 -13.69 14.96 -6.00
N ASP A 23 -14.24 14.85 -4.80
CA ASP A 23 -14.95 15.98 -4.15
C ASP A 23 -14.00 17.05 -3.58
N GLY A 24 -12.70 16.84 -3.68
CA GLY A 24 -11.70 17.79 -3.19
C GLY A 24 -11.50 17.79 -1.68
N GLU A 25 -12.15 16.86 -0.99
CA GLU A 25 -12.13 16.81 0.48
C GLU A 25 -11.81 15.43 1.03
N SER A 26 -12.46 14.41 0.47
CA SER A 26 -12.26 13.03 0.89
CA SER A 26 -12.26 13.03 0.89
C SER A 26 -10.84 12.57 0.59
N ILE A 27 -10.42 11.48 1.24
CA ILE A 27 -9.13 10.88 0.97
C ILE A 27 -9.15 10.34 -0.46
N GLY A 28 -8.15 10.72 -1.25
CA GLY A 28 -8.06 10.31 -2.65
C GLY A 28 -7.25 9.04 -2.83
N ASN A 29 -7.26 8.50 -4.04
CA ASN A 29 -6.40 7.37 -4.36
C ASN A 29 -4.94 7.83 -4.49
N CYS A 30 -4.14 7.48 -3.50
CA CYS A 30 -2.71 7.82 -3.47
C CYS A 30 -2.05 6.80 -2.55
N PRO A 31 -1.52 5.71 -3.12
CA PRO A 31 -1.05 4.63 -2.25
C PRO A 31 0.13 5.01 -1.34
N PHE A 32 0.98 5.95 -1.76
CA PHE A 32 2.04 6.40 -0.86
C PHE A 32 1.50 7.30 0.24
N CYS A 33 0.45 8.06 -0.05
CA CYS A 33 -0.25 8.80 1.00
C CYS A 33 -0.77 7.83 2.04
N GLN A 34 -1.42 6.76 1.59
CA GLN A 34 -1.94 5.75 2.51
C GLN A 34 -0.81 5.08 3.31
N ARG A 35 0.30 4.77 2.63
CA ARG A 35 1.50 4.23 3.27
C ARG A 35 1.89 5.06 4.50
N LEU A 36 2.01 6.37 4.32
CA LEU A 36 2.42 7.28 5.40
C LEU A 36 1.34 7.42 6.48
N PHE A 37 0.08 7.43 6.07
CA PHE A 37 -1.06 7.44 6.99
C PHE A 37 -0.95 6.22 7.91
N MET A 38 -0.74 5.03 7.33
CA MET A 38 -0.59 3.80 8.10
C MET A 38 0.61 3.84 9.06
N ILE A 39 1.75 4.34 8.58
CA ILE A 39 2.94 4.44 9.42
C ILE A 39 2.67 5.26 10.68
N LEU A 40 2.07 6.43 10.49
CA LEU A 40 1.78 7.32 11.61
C LEU A 40 0.81 6.66 12.60
N TRP A 41 -0.23 6.00 12.08
CA TRP A 41 -1.18 5.25 12.90
C TRP A 41 -0.47 4.15 13.71
N LEU A 42 0.38 3.37 13.04
CA LEU A 42 1.09 2.27 13.69
C LEU A 42 2.13 2.72 14.72
N LYS A 43 2.67 3.94 14.57
CA LYS A 43 3.60 4.50 15.55
C LYS A 43 2.92 4.89 16.86
N GLY A 44 1.61 5.16 16.81
CA GLY A 44 0.85 5.56 18.00
C GLY A 44 1.01 7.03 18.35
N VAL A 45 1.55 7.81 17.42
CA VAL A 45 1.77 9.23 17.64
C VAL A 45 0.50 10.01 17.31
N LYS A 46 0.31 11.14 17.97
CA LYS A 46 -0.77 12.07 17.62
C LYS A 46 -0.43 12.72 16.27
N PHE A 47 -1.42 12.82 15.39
CA PHE A 47 -1.21 13.47 14.10
C PHE A 47 -2.52 13.86 13.43
N ASN A 48 -2.43 14.83 12.52
CA ASN A 48 -3.54 15.23 11.68
C ASN A 48 -3.32 14.83 10.23
N VAL A 49 -4.42 14.63 9.52
CA VAL A 49 -4.37 14.37 8.09
C VAL A 49 -5.23 15.40 7.39
N THR A 50 -4.61 16.12 6.45
CA THR A 50 -5.30 17.13 5.65
C THR A 50 -5.24 16.71 4.18
N THR A 51 -6.36 16.87 3.48
CA THR A 51 -6.41 16.52 2.07
C THR A 51 -6.16 17.75 1.20
N VAL A 52 -5.47 17.52 0.09
CA VAL A 52 -5.08 18.59 -0.81
C VAL A 52 -5.77 18.39 -2.16
N ASP A 53 -6.58 19.38 -2.55
CA ASP A 53 -7.33 19.34 -3.79
C ASP A 53 -6.42 19.74 -4.95
N MET A 54 -5.97 18.75 -5.72
CA MET A 54 -5.01 19.03 -6.80
C MET A 54 -5.65 19.65 -8.05
N THR A 55 -6.96 19.87 -8.01
CA THR A 55 -7.63 20.68 -9.05
C THR A 55 -7.66 22.18 -8.69
N ARG A 56 -7.10 22.53 -7.53
CA ARG A 56 -7.04 23.92 -7.07
C ARG A 56 -5.62 24.24 -6.55
N LYS A 57 -4.63 23.93 -7.38
CA LYS A 57 -3.21 24.03 -7.00
C LYS A 57 -2.77 25.44 -6.56
N PRO A 58 -3.20 26.49 -7.29
CA PRO A 58 -2.75 27.84 -6.90
C PRO A 58 -3.07 28.18 -5.44
N GLU A 59 -4.25 27.78 -4.99
CA GLU A 59 -4.68 28.01 -3.61
C GLU A 59 -4.16 26.93 -2.67
N GLU A 60 -4.37 25.67 -3.04
CA GLU A 60 -4.05 24.53 -2.19
C GLU A 60 -2.55 24.33 -1.97
N LEU A 61 -1.77 24.61 -3.01
CA LEU A 61 -0.33 24.54 -2.89
C LEU A 61 0.23 25.80 -2.20
N LYS A 62 -0.53 26.38 -1.27
CA LYS A 62 -0.05 27.45 -0.37
C LYS A 62 1.19 28.05 -1.06
N ASP A 63 2.45 27.78 -0.68
CA ASP A 63 3.07 27.98 0.64
C ASP A 63 4.41 28.75 0.41
N LEU A 64 5.35 28.27 -0.42
CA LEU A 64 5.30 26.98 -1.15
C LEU A 64 6.63 26.22 -1.15
N ALA A 65 7.52 26.60 -2.06
CA ALA A 65 8.54 25.70 -2.61
C ALA A 65 7.84 24.82 -3.66
N PRO A 66 7.92 25.21 -4.95
CA PRO A 66 7.16 24.57 -6.05
C PRO A 66 7.24 23.04 -6.15
N GLY A 67 8.34 22.46 -5.67
CA GLY A 67 8.48 21.00 -5.63
C GLY A 67 7.66 20.30 -4.55
N THR A 68 6.89 21.07 -3.77
CA THR A 68 6.03 20.52 -2.74
C THR A 68 4.72 20.01 -3.36
N ASN A 69 4.53 18.69 -3.31
CA ASN A 69 3.32 18.03 -3.81
C ASN A 69 2.97 16.83 -2.95
N PRO A 70 1.68 16.52 -2.79
CA PRO A 70 1.29 15.41 -1.91
C PRO A 70 1.80 14.05 -2.40
N PRO A 71 2.21 13.17 -1.47
CA PRO A 71 2.21 13.38 -0.01
C PRO A 71 3.35 14.27 0.45
N PHE A 72 3.06 15.18 1.37
CA PHE A 72 4.10 15.84 2.14
C PHE A 72 3.67 15.95 3.59
N LEU A 73 4.61 16.31 4.46
CA LEU A 73 4.38 16.25 5.88
C LEU A 73 5.10 17.39 6.57
N VAL A 74 4.43 17.99 7.57
CA VAL A 74 5.05 19.00 8.41
C VAL A 74 5.22 18.41 9.81
N TYR A 75 6.47 18.38 10.26
CA TYR A 75 6.86 17.83 11.55
C TYR A 75 7.50 18.95 12.38
N ASN A 76 6.82 19.37 13.44
CA ASN A 76 7.25 20.53 14.21
C ASN A 76 7.68 21.69 13.29
N LYS A 77 6.77 22.08 12.39
CA LYS A 77 6.95 23.18 11.43
C LYS A 77 7.90 22.90 10.25
N GLU A 78 8.68 21.82 10.30
CA GLU A 78 9.59 21.48 9.20
C GLU A 78 8.85 20.74 8.09
N LEU A 79 9.02 21.20 6.85
CA LEU A 79 8.41 20.56 5.69
C LEU A 79 9.27 19.38 5.24
N LYS A 80 8.64 18.24 5.03
CA LYS A 80 9.33 17.04 4.57
C LYS A 80 8.65 16.47 3.33
N THR A 81 9.46 16.11 2.34
CA THR A 81 8.96 15.86 0.99
C THR A 81 9.60 14.60 0.39
N ASP A 82 9.03 14.15 -0.73
CA ASP A 82 9.61 13.13 -1.59
C ASP A 82 9.49 11.71 -1.03
N PHE A 83 8.24 11.26 -0.90
CA PHE A 83 7.93 9.85 -0.73
C PHE A 83 8.82 9.15 0.33
N ILE A 84 9.80 8.36 -0.12
CA ILE A 84 10.56 7.48 0.76
C ILE A 84 11.35 8.24 1.81
N LYS A 85 11.79 9.45 1.48
CA LYS A 85 12.48 10.29 2.46
C LYS A 85 11.60 10.58 3.67
N ILE A 86 10.30 10.69 3.46
CA ILE A 86 9.36 10.93 4.56
C ILE A 86 9.26 9.68 5.43
N GLU A 87 9.15 8.52 4.81
CA GLU A 87 9.09 7.26 5.54
C GLU A 87 10.33 7.04 6.39
N GLU A 88 11.50 7.28 5.79
CA GLU A 88 12.78 7.12 6.48
C GLU A 88 12.87 8.05 7.69
N PHE A 89 12.46 9.30 7.51
CA PHE A 89 12.46 10.27 8.60
C PHE A 89 11.56 9.82 9.76
N LEU A 90 10.35 9.37 9.43
CA LEU A 90 9.40 8.91 10.46
C LEU A 90 9.89 7.67 11.22
N GLU A 91 10.42 6.70 10.50
CA GLU A 91 10.94 5.48 11.14
C GLU A 91 12.13 5.81 12.05
N GLN A 92 12.96 6.77 11.65
CA GLN A 92 14.11 7.20 12.46
C GLN A 92 13.71 7.99 13.69
N THR A 93 12.88 9.00 13.47
CA THR A 93 12.56 9.99 14.49
C THR A 93 11.59 9.45 15.55
N LEU A 94 10.59 8.69 15.10
CA LEU A 94 9.64 8.05 16.00
C LEU A 94 10.16 6.63 16.28
N ALA A 95 11.12 6.55 17.20
CA ALA A 95 11.86 5.32 17.45
C ALA A 95 11.71 4.85 18.89
N PRO A 96 12.08 3.59 19.18
CA PRO A 96 12.12 3.13 20.57
C PRO A 96 13.09 3.95 21.44
N PRO A 97 12.89 3.95 22.77
CA PRO A 97 11.91 3.19 23.54
C PRO A 97 10.45 3.65 23.41
N ARG A 98 10.23 4.91 23.02
CA ARG A 98 8.89 5.50 23.04
C ARG A 98 7.95 4.98 21.95
N TYR A 99 8.44 4.83 20.73
CA TYR A 99 7.60 4.39 19.60
C TYR A 99 8.07 3.05 19.04
N PRO A 100 7.14 2.27 18.45
CA PRO A 100 7.52 0.97 17.90
C PRO A 100 8.35 1.08 16.62
N HIS A 101 9.35 0.20 16.51
CA HIS A 101 10.16 0.02 15.32
C HIS A 101 9.30 -0.73 14.30
N LEU A 102 9.18 -0.17 13.09
CA LEU A 102 8.34 -0.77 12.03
C LEU A 102 9.11 -1.38 10.85
N SER A 103 10.41 -1.14 10.73
CA SER A 103 11.19 -1.66 9.60
CA SER A 103 11.17 -1.65 9.60
C SER A 103 11.16 -3.19 9.58
N PRO A 104 10.94 -3.79 8.39
CA PRO A 104 10.98 -5.24 8.34
C PRO A 104 12.42 -5.78 8.45
N LYS A 105 12.55 -7.02 8.89
CA LYS A 105 13.86 -7.67 8.96
C LYS A 105 14.37 -8.03 7.57
N TYR A 106 13.46 -8.38 6.66
CA TYR A 106 13.81 -8.93 5.36
C TYR A 106 13.42 -7.99 4.22
N LYS A 107 14.42 -7.57 3.45
CA LYS A 107 14.23 -6.73 2.26
C LYS A 107 13.26 -7.35 1.26
N GLU A 108 13.26 -8.68 1.19
CA GLU A 108 12.39 -9.42 0.30
C GLU A 108 10.91 -9.08 0.56
N SER A 109 10.58 -8.75 1.82
CA SER A 109 9.22 -8.35 2.17
C SER A 109 8.75 -7.10 1.40
N PHE A 110 9.69 -6.23 1.04
CA PHE A 110 9.42 -5.12 0.12
C PHE A 110 9.34 -5.54 -1.34
N ASP A 111 10.35 -6.29 -1.77
CA ASP A 111 10.55 -6.59 -3.20
C ASP A 111 9.37 -7.34 -3.84
N VAL A 112 8.77 -8.26 -3.08
CA VAL A 112 7.60 -9.01 -3.57
C VAL A 112 6.43 -8.08 -3.94
N GLY A 113 6.27 -6.99 -3.20
CA GLY A 113 5.15 -6.05 -3.42
C GLY A 113 5.32 -5.09 -4.59
N CYS A 114 6.56 -4.66 -4.83
CA CYS A 114 6.84 -3.71 -5.92
CA CYS A 114 6.87 -3.72 -5.92
C CYS A 114 6.68 -4.34 -7.31
N ASN A 115 7.17 -5.58 -7.47
CA ASN A 115 7.01 -6.28 -8.73
C ASN A 115 5.54 -6.58 -9.05
N LEU A 116 4.77 -6.95 -8.03
CA LEU A 116 3.34 -7.25 -8.21
C LEU A 116 2.59 -6.03 -8.74
N PHE A 117 2.82 -4.85 -8.16
CA PHE A 117 2.10 -3.67 -8.59
C PHE A 117 2.51 -3.22 -10.00
N ALA A 118 3.75 -3.48 -10.37
CA ALA A 118 4.24 -3.18 -11.72
C ALA A 118 3.54 -4.02 -12.79
N LYS A 119 3.40 -5.33 -12.54
CA LYS A 119 2.68 -6.21 -13.45
C LYS A 119 1.21 -5.84 -13.57
N PHE A 120 0.59 -5.47 -12.45
CA PHE A 120 -0.79 -4.97 -12.48
C PHE A 120 -0.90 -3.72 -13.34
N SER A 121 0.05 -2.80 -13.16
CA SER A 121 0.04 -1.53 -13.90
C SER A 121 0.16 -1.76 -15.40
N ALA A 122 1.04 -2.65 -15.83
CA ALA A 122 1.17 -3.02 -17.25
C ALA A 122 -0.14 -3.60 -17.79
N TYR A 123 -0.74 -4.45 -16.97
CA TYR A 123 -1.99 -5.14 -17.27
C TYR A 123 -3.17 -4.18 -17.44
N ILE A 124 -3.31 -3.25 -16.49
CA ILE A 124 -4.45 -2.33 -16.48
C ILE A 124 -4.30 -1.22 -17.55
N LYS A 125 -3.06 -0.95 -17.97
CA LYS A 125 -2.79 0.05 -19.01
C LYS A 125 -2.70 -0.55 -20.42
N ASN A 126 -2.67 -1.88 -20.54
CA ASN A 126 -2.64 -2.54 -21.85
C ASN A 126 -3.88 -2.21 -22.68
N THR A 127 -3.67 -1.54 -23.81
CA THR A 127 -4.77 -1.08 -24.67
C THR A 127 -5.25 -2.14 -25.67
N GLN A 128 -4.53 -3.25 -25.80
CA GLN A 128 -4.85 -4.28 -26.80
C GLN A 128 -5.52 -5.47 -26.13
N LYS A 129 -6.84 -5.60 -26.30
CA LYS A 129 -7.56 -6.74 -25.71
C LYS A 129 -6.95 -8.09 -26.10
N GLU A 130 -6.37 -8.17 -27.30
CA GLU A 130 -5.75 -9.42 -27.75
C GLU A 130 -4.51 -9.82 -26.93
N ALA A 131 -3.88 -8.85 -26.26
CA ALA A 131 -2.74 -9.13 -25.37
C ALA A 131 -3.16 -9.44 -23.93
N ASN A 132 -4.46 -9.40 -23.63
CA ASN A 132 -4.94 -9.60 -22.26
C ASN A 132 -4.46 -10.90 -21.61
N LYS A 133 -4.48 -12.00 -22.36
CA LYS A 133 -4.09 -13.29 -21.80
C LYS A 133 -2.68 -13.25 -21.21
N ASN A 134 -1.73 -12.67 -21.94
CA ASN A 134 -0.34 -12.61 -21.49
C ASN A 134 -0.16 -11.71 -20.28
N PHE A 135 -0.79 -10.54 -20.30
CA PHE A 135 -0.72 -9.62 -19.15
C PHE A 135 -1.37 -10.22 -17.91
N GLU A 136 -2.48 -10.94 -18.10
CA GLU A 136 -3.17 -11.62 -17.00
C GLU A 136 -2.30 -12.73 -16.41
N LYS A 137 -1.71 -13.54 -17.30
CA LYS A 137 -0.79 -14.59 -16.87
C LYS A 137 0.38 -13.99 -16.10
N SER A 138 0.90 -12.86 -16.58
CA SER A 138 1.98 -12.16 -15.92
C SER A 138 1.58 -11.76 -14.50
N LEU A 139 0.40 -11.17 -14.36
CA LEU A 139 -0.11 -10.74 -13.05
C LEU A 139 -0.30 -11.94 -12.11
N LEU A 140 -0.92 -13.00 -12.63
CA LEU A 140 -1.12 -14.24 -11.89
C LEU A 140 0.19 -14.84 -11.41
N LYS A 141 1.22 -14.80 -12.26
CA LYS A 141 2.53 -15.36 -11.92
C LYS A 141 3.14 -14.59 -10.73
N GLU A 142 3.00 -13.27 -10.75
CA GLU A 142 3.49 -12.47 -9.63
C GLU A 142 2.67 -12.67 -8.36
N PHE A 143 1.36 -12.85 -8.49
CA PHE A 143 0.53 -13.24 -7.33
C PHE A 143 0.98 -14.59 -6.77
N LYS A 144 1.34 -15.52 -7.64
CA LYS A 144 1.89 -16.81 -7.18
C LYS A 144 3.20 -16.62 -6.42
N ARG A 145 4.04 -15.69 -6.88
CA ARG A 145 5.27 -15.36 -6.15
C ARG A 145 4.94 -14.86 -4.75
N LEU A 146 3.94 -13.98 -4.64
CA LEU A 146 3.53 -13.47 -3.34
C LEU A 146 2.94 -14.59 -2.49
N ASP A 147 2.08 -15.40 -3.09
CA ASP A 147 1.51 -16.58 -2.43
C ASP A 147 2.62 -17.46 -1.85
N ASP A 148 3.63 -17.78 -2.67
CA ASP A 148 4.77 -18.58 -2.22
C ASP A 148 5.50 -17.92 -1.07
N TYR A 149 5.77 -16.62 -1.19
CA TYR A 149 6.43 -15.88 -0.12
C TYR A 149 5.66 -15.96 1.20
N LEU A 150 4.35 -15.78 1.14
CA LEU A 150 3.50 -15.85 2.33
C LEU A 150 3.32 -17.25 2.92
N ASN A 151 3.43 -18.28 2.08
CA ASN A 151 3.32 -19.67 2.54
C ASN A 151 4.64 -20.31 2.96
N THR A 152 5.75 -19.67 2.62
CA THR A 152 7.08 -20.17 2.95
C THR A 152 7.54 -19.54 4.26
N PRO A 153 7.86 -20.38 5.26
CA PRO A 153 8.28 -19.79 6.53
C PRO A 153 9.54 -18.95 6.39
N LEU A 154 9.57 -17.84 7.09
CA LEU A 154 10.76 -17.00 7.16
C LEU A 154 11.83 -17.70 8.01
N LEU A 155 13.07 -17.23 7.88
CA LEU A 155 14.21 -17.86 8.53
C LEU A 155 14.12 -17.81 10.06
N ASP A 156 13.46 -16.76 10.58
CA ASP A 156 13.32 -16.56 12.03
C ASP A 156 11.94 -16.98 12.56
N GLU A 157 11.21 -17.78 11.80
CA GLU A 157 9.80 -18.01 12.08
C GLU A 157 9.58 -19.13 13.10
N ILE A 158 8.81 -18.81 14.15
CA ILE A 158 8.37 -19.79 15.14
C ILE A 158 6.84 -19.88 15.04
N ASP A 159 6.35 -21.01 14.52
CA ASP A 159 4.92 -21.25 14.43
C ASP A 159 4.34 -21.35 15.85
N PRO A 160 3.15 -20.75 16.08
CA PRO A 160 2.61 -20.74 17.45
C PRO A 160 2.21 -22.13 17.94
N ASP A 161 1.91 -23.03 17.01
CA ASP A 161 1.47 -24.37 17.38
C ASP A 161 2.56 -25.44 17.22
N SER A 162 3.46 -25.28 16.23
CA SER A 162 4.49 -26.29 15.97
C SER A 162 5.93 -25.80 16.15
N ALA A 163 6.09 -24.58 16.66
CA ALA A 163 7.41 -24.01 16.98
C ALA A 163 8.28 -23.80 15.73
N GLU A 164 9.60 -24.02 15.85
CA GLU A 164 10.52 -23.63 14.77
C GLU A 164 10.44 -24.54 13.56
N GLU A 165 10.98 -24.03 12.46
CA GLU A 165 11.09 -24.75 11.19
C GLU A 165 9.79 -25.43 10.78
N PRO A 166 8.68 -24.66 10.70
CA PRO A 166 7.42 -25.25 10.26
C PRO A 166 7.45 -25.61 8.78
N PRO A 167 6.61 -26.56 8.35
CA PRO A 167 6.59 -26.96 6.94
C PRO A 167 5.97 -25.89 6.02
N VAL A 168 4.93 -25.23 6.52
CA VAL A 168 4.24 -24.16 5.82
C VAL A 168 4.05 -22.97 6.78
N SER A 169 3.98 -21.76 6.24
CA SER A 169 3.81 -20.58 7.07
C SER A 169 2.34 -20.25 7.31
N ARG A 170 2.03 -19.87 8.54
CA ARG A 170 0.73 -19.31 8.88
C ARG A 170 0.88 -17.96 9.59
N ARG A 171 2.00 -17.27 9.36
CA ARG A 171 2.23 -15.94 9.91
C ARG A 171 1.18 -14.96 9.41
N LEU A 172 0.99 -13.87 10.15
CA LEU A 172 -0.07 -12.93 9.83
C LEU A 172 0.27 -12.08 8.61
N PHE A 173 1.48 -11.54 8.58
CA PHE A 173 1.85 -10.50 7.62
C PHE A 173 3.16 -10.82 6.90
N LEU A 174 3.63 -9.90 6.05
CA LEU A 174 4.77 -10.17 5.16
C LEU A 174 6.04 -10.60 5.88
N ASP A 175 6.35 -9.93 6.98
CA ASP A 175 7.66 -10.09 7.63
C ASP A 175 7.58 -10.85 8.95
N GLY A 176 6.37 -11.23 9.33
CA GLY A 176 6.10 -11.83 10.64
C GLY A 176 4.67 -11.54 11.07
N ASP A 177 4.45 -11.47 12.38
CA ASP A 177 3.10 -11.31 12.94
C ASP A 177 2.75 -9.88 13.34
N GLN A 178 3.66 -8.94 13.07
CA GLN A 178 3.40 -7.52 13.28
C GLN A 178 3.41 -6.79 11.93
N LEU A 179 2.57 -5.77 11.82
CA LEU A 179 2.56 -4.90 10.64
C LEU A 179 3.86 -4.12 10.57
N THR A 180 4.51 -4.15 9.41
CA THR A 180 5.76 -3.43 9.19
C THR A 180 5.63 -2.46 8.02
N LEU A 181 6.71 -1.73 7.75
CA LEU A 181 6.77 -0.83 6.59
C LEU A 181 6.49 -1.57 5.28
N ALA A 182 6.89 -2.84 5.21
CA ALA A 182 6.61 -3.68 4.05
C ALA A 182 5.10 -3.81 3.78
N ASP A 183 4.32 -3.94 4.84
CA ASP A 183 2.84 -4.00 4.74
C ASP A 183 2.25 -2.64 4.42
N CYS A 184 2.84 -1.58 4.99
CA CYS A 184 2.41 -0.22 4.70
C CYS A 184 2.61 0.11 3.22
N SER A 185 3.61 -0.49 2.60
CA SER A 185 3.84 -0.32 1.16
C SER A 185 2.87 -1.15 0.34
N LEU A 186 2.80 -2.45 0.64
CA LEU A 186 2.07 -3.38 -0.21
C LEU A 186 0.55 -3.27 -0.06
N LEU A 187 0.05 -3.15 1.17
CA LEU A 187 -1.40 -3.23 1.38
C LEU A 187 -2.21 -2.20 0.57
N PRO A 188 -1.81 -0.91 0.59
CA PRO A 188 -2.52 0.04 -0.30
C PRO A 188 -2.50 -0.38 -1.78
N LYS A 189 -1.37 -0.90 -2.23
CA LYS A 189 -1.24 -1.37 -3.61
C LYS A 189 -2.13 -2.59 -3.92
N LEU A 190 -2.18 -3.54 -2.98
N LEU A 190 -2.20 -3.51 -2.96
CA LEU A 190 -3.05 -4.72 -3.12
CA LEU A 190 -3.03 -4.71 -3.08
C LEU A 190 -4.53 -4.31 -3.17
C LEU A 190 -4.52 -4.34 -3.12
N ASN A 191 -4.92 -3.35 -2.33
CA ASN A 191 -6.27 -2.81 -2.36
C ASN A 191 -6.60 -2.22 -3.74
N ILE A 192 -5.67 -1.45 -4.30
CA ILE A 192 -5.82 -0.88 -5.64
C ILE A 192 -5.99 -2.00 -6.69
N ILE A 193 -5.10 -2.99 -6.67
CA ILE A 193 -5.17 -4.09 -7.62
C ILE A 193 -6.52 -4.80 -7.55
N LYS A 194 -6.96 -5.08 -6.33
CA LYS A 194 -8.21 -5.81 -6.10
C LYS A 194 -9.42 -5.04 -6.65
N VAL A 195 -9.48 -3.75 -6.36
CA VAL A 195 -10.59 -2.91 -6.80
C VAL A 195 -10.56 -2.67 -8.33
N ALA A 196 -9.42 -2.20 -8.83
CA ALA A 196 -9.29 -1.80 -10.23
C ALA A 196 -9.31 -2.97 -11.21
N ALA A 197 -8.62 -4.06 -10.87
CA ALA A 197 -8.59 -5.24 -11.73
C ALA A 197 -9.96 -5.89 -11.85
N LYS A 198 -10.72 -5.89 -10.76
CA LYS A 198 -12.09 -6.42 -10.80
C LYS A 198 -12.99 -5.54 -11.68
N LYS A 199 -12.93 -4.24 -11.47
CA LYS A 199 -13.76 -3.29 -12.22
C LYS A 199 -13.51 -3.32 -13.73
N TYR A 200 -12.23 -3.28 -14.12
CA TYR A 200 -11.88 -3.08 -15.53
C TYR A 200 -11.40 -4.33 -16.28
N ARG A 201 -11.11 -5.41 -15.56
CA ARG A 201 -10.70 -6.66 -16.20
C ARG A 201 -11.43 -7.90 -15.67
N ASP A 202 -12.44 -7.71 -14.82
CA ASP A 202 -13.19 -8.81 -14.21
C ASP A 202 -12.23 -9.82 -13.56
N PHE A 203 -11.13 -9.31 -13.01
CA PHE A 203 -10.10 -10.14 -12.40
C PHE A 203 -10.43 -10.35 -10.93
N ASP A 204 -10.39 -11.60 -10.48
CA ASP A 204 -10.43 -11.92 -9.06
C ASP A 204 -9.11 -12.58 -8.69
N ILE A 205 -8.61 -12.29 -7.49
CA ILE A 205 -7.43 -12.94 -6.98
C ILE A 205 -7.85 -14.39 -6.70
N PRO A 206 -7.25 -15.37 -7.41
CA PRO A 206 -7.66 -16.77 -7.25
C PRO A 206 -7.76 -17.26 -5.81
N ALA A 207 -8.86 -17.95 -5.50
CA ALA A 207 -9.04 -18.58 -4.20
C ALA A 207 -7.94 -19.57 -3.87
N GLU A 208 -7.30 -20.14 -4.90
CA GLU A 208 -6.22 -21.12 -4.73
C GLU A 208 -4.97 -20.52 -4.09
N PHE A 209 -4.81 -19.20 -4.19
CA PHE A 209 -3.70 -18.52 -3.53
C PHE A 209 -4.07 -18.31 -2.04
N SER A 210 -4.00 -19.39 -1.27
N SER A 210 -3.99 -19.40 -1.28
CA SER A 210 -4.42 -19.38 0.13
CA SER A 210 -4.39 -19.43 0.13
C SER A 210 -3.55 -18.48 1.00
C SER A 210 -3.56 -18.47 0.98
N GLY A 211 -2.28 -18.31 0.62
CA GLY A 211 -1.37 -17.41 1.35
C GLY A 211 -1.75 -15.95 1.18
N VAL A 212 -1.99 -15.56 -0.06
CA VAL A 212 -2.46 -14.20 -0.36
C VAL A 212 -3.77 -13.91 0.37
N TRP A 213 -4.72 -14.85 0.31
CA TRP A 213 -6.02 -14.66 0.95
C TRP A 213 -5.96 -14.66 2.48
N ARG A 214 -5.07 -15.48 3.05
CA ARG A 214 -4.82 -15.45 4.49
C ARG A 214 -4.35 -14.05 4.89
N TYR A 215 -3.36 -13.55 4.15
CA TYR A 215 -2.81 -12.21 4.35
C TYR A 215 -3.87 -11.11 4.25
N LEU A 216 -4.68 -11.17 3.18
CA LEU A 216 -5.75 -10.19 2.97
C LEU A 216 -6.77 -10.20 4.10
N HIS A 217 -7.16 -11.40 4.54
CA HIS A 217 -8.10 -11.53 5.64
C HIS A 217 -7.52 -10.93 6.94
N ASN A 218 -6.29 -11.29 7.25
CA ASN A 218 -5.58 -10.70 8.40
C ASN A 218 -5.48 -9.18 8.29
N ALA A 219 -5.16 -8.71 7.08
CA ALA A 219 -4.93 -7.28 6.83
C ALA A 219 -6.20 -6.45 6.88
N TYR A 220 -7.27 -6.95 6.25
CA TYR A 220 -8.56 -6.25 6.24
C TYR A 220 -9.24 -6.28 7.62
N ALA A 221 -8.73 -7.10 8.54
CA ALA A 221 -9.15 -7.10 9.94
C ALA A 221 -8.45 -6.00 10.77
N ARG A 222 -7.50 -5.28 10.19
CA ARG A 222 -6.79 -4.22 10.91
C ARG A 222 -7.24 -2.83 10.45
N GLU A 223 -7.81 -2.06 11.38
N GLU A 223 -7.80 -2.05 11.36
CA GLU A 223 -8.30 -0.71 11.09
CA GLU A 223 -8.32 -0.72 11.04
C GLU A 223 -7.25 0.21 10.47
C GLU A 223 -7.26 0.23 10.49
N GLU A 224 -6.00 0.04 10.87
CA GLU A 224 -4.90 0.90 10.37
C GLU A 224 -4.81 0.84 8.84
N PHE A 225 -5.08 -0.33 8.29
CA PHE A 225 -5.17 -0.51 6.85
C PHE A 225 -6.53 -0.07 6.30
N THR A 226 -7.60 -0.70 6.76
CA THR A 226 -8.92 -0.50 6.16
C THR A 226 -9.45 0.93 6.28
N HIS A 227 -9.18 1.61 7.40
CA HIS A 227 -9.69 2.96 7.60
C HIS A 227 -8.81 4.04 6.96
N THR A 228 -7.70 3.65 6.36
CA THR A 228 -6.89 4.58 5.57
C THR A 228 -7.09 4.38 4.07
N CYS A 229 -7.89 3.40 3.68
CA CYS A 229 -8.22 3.17 2.27
C CYS A 229 -9.14 4.25 1.77
N PRO A 230 -8.97 4.66 0.49
CA PRO A 230 -9.96 5.56 -0.08
C PRO A 230 -11.20 4.76 -0.42
N GLU A 231 -12.31 5.43 -0.71
CA GLU A 231 -13.49 4.73 -1.21
C GLU A 231 -13.12 4.05 -2.52
N ASP A 232 -13.70 2.87 -2.77
CA ASP A 232 -13.41 2.09 -3.99
C ASP A 232 -13.53 2.92 -5.27
N LYS A 233 -14.55 3.78 -5.34
CA LYS A 233 -14.79 4.60 -6.52
C LYS A 233 -13.65 5.58 -6.85
N GLU A 234 -12.86 6.00 -5.86
CA GLU A 234 -11.69 6.84 -6.10
C GLU A 234 -10.64 6.07 -6.91
N ILE A 235 -10.40 4.82 -6.49
CA ILE A 235 -9.52 3.92 -7.22
C ILE A 235 -10.07 3.68 -8.63
N GLU A 236 -11.36 3.37 -8.73
CA GLU A 236 -11.98 3.14 -10.05
C GLU A 236 -11.84 4.37 -10.96
N ASN A 237 -12.00 5.56 -10.39
CA ASN A 237 -11.85 6.81 -11.15
C ASN A 237 -10.45 6.97 -11.75
N THR A 238 -9.42 6.60 -10.99
CA THR A 238 -8.04 6.70 -11.45
C THR A 238 -7.82 6.00 -12.80
N TYR A 239 -8.44 4.83 -12.97
CA TYR A 239 -8.20 4.00 -14.15
C TYR A 239 -9.29 4.07 -15.23
N ALA A 240 -10.25 4.97 -15.05
CA ALA A 240 -11.44 5.02 -15.91
C ALA A 240 -11.10 5.22 -17.39
N ASN A 241 -10.12 6.07 -17.67
CA ASN A 241 -9.69 6.31 -19.06
C ASN A 241 -8.63 5.31 -19.54
N VAL A 242 -7.58 5.12 -18.73
CA VAL A 242 -6.43 4.31 -19.16
C VAL A 242 -6.75 2.83 -19.34
N ALA A 243 -7.80 2.34 -18.65
CA ALA A 243 -8.22 0.95 -18.75
C ALA A 243 -9.08 0.63 -19.99
N LYS A 244 -9.42 1.63 -20.79
CA LYS A 244 -10.16 1.40 -22.05
C LYS A 244 -9.29 0.69 -23.10
N GLN A 245 -9.86 -0.29 -23.78
CA GLN A 245 -9.11 -1.15 -24.70
C GLN A 245 -9.61 -1.15 -26.14
N LYS A 246 -8.67 -1.37 -27.05
CA LYS A 246 -8.97 -1.65 -28.45
C LYS A 246 -9.16 -3.16 -28.65
N SER A 247 -10.28 -3.52 -29.29
N SER A 247 -10.27 -3.54 -29.28
CA SER A 247 -10.70 -4.90 -29.54
CA SER A 247 -10.47 -4.83 -29.94
C SER A 247 -11.33 -5.54 -28.30
C SER A 247 -11.96 -5.10 -30.15
#